data_4WHZ
#
_entry.id   4WHZ
#
_cell.length_a   53.920
_cell.length_b   70.930
_cell.length_c   107.690
_cell.angle_alpha   90.00
_cell.angle_beta   90.00
_cell.angle_gamma   90.00
#
_symmetry.space_group_name_H-M   'P 21 21 21'
#
loop_
_entity.id
_entity.type
_entity.pdbx_description
1 polymer 'Mitogen-activated protein kinase 10'
2 non-polymer 3-(4-{[(2-chlorophenyl)carbamoyl]amino}-1H-pyrazol-1-yl)-N-{1-[(3S)-pyrrolidin-3-yl]-1H-pyrazol-4-yl}benzamide
3 water water
#
_entity_poly.entity_id   1
_entity_poly.type   'polypeptide(L)'
_entity_poly.pdbx_seq_one_letter_code
;MSKSKVDNQFYSVEVGDSTFTVLKRYQNLKPIGSGAQGIVCAAYDAVLDRNVAIKKLSRPFQNQTHAKRAYRELVLMKCV
NHKNIISLLNVFTPQKTLEEFQDVYLVMELMDANLCQVIQMELDHERMSYLLYQMLCGIKHLHSAGIIHRDLKPSNIVVK
SDCTLKILDFGLARTAGTSFMMTPYVVTRYYRAPEVILGMGYKENVDIWSVGCIMGEMVRHKILFPGRDYIDQWNKVIEQ
LGTPCPEFMKKLQPTVRNYVENRPKYAGLTFPKLFPDSLFPADSEHNKLKASQARDLLSKMLVIDPAKRISVDDALQHPY
INVWYDPAEVEAPPPQIYDKQLDEREHTIEEWKELIYKEVMNSEEKTKNGVVKGQPSPSGAAVNS
;
_entity_poly.pdbx_strand_id   A
#
loop_
_chem_comp.id
_chem_comp.type
_chem_comp.name
_chem_comp.formula
3NL non-polymer 3-(4-{[(2-chlorophenyl)carbamoyl]amino}-1H-pyrazol-1-yl)-N-{1-[(3S)-pyrrolidin-3-yl]-1H-pyrazol-4-yl}benzamide 'C24 H23 Cl N8 O2'
#
# COMPACT_ATOMS: atom_id res chain seq x y z
N ASP A 7 13.03 27.77 25.50
CA ASP A 7 12.94 28.97 24.66
C ASP A 7 12.61 28.57 23.22
N ASN A 8 13.58 27.98 22.48
CA ASN A 8 13.35 27.49 21.13
C ASN A 8 12.38 26.31 21.28
N GLN A 9 11.39 26.22 20.38
CA GLN A 9 10.39 25.17 20.44
C GLN A 9 10.89 23.82 19.85
N PHE A 10 12.10 23.79 19.26
CA PHE A 10 12.67 22.59 18.63
C PHE A 10 13.98 22.15 19.29
N TYR A 11 14.37 20.90 19.06
CA TYR A 11 15.65 20.33 19.46
C TYR A 11 16.10 19.31 18.41
N SER A 12 17.41 19.12 18.27
CA SER A 12 17.98 18.21 17.27
C SER A 12 18.65 16.99 17.87
N VAL A 13 18.41 15.81 17.26
CA VAL A 13 18.99 14.50 17.64
C VAL A 13 19.42 13.72 16.42
N GLU A 14 20.51 12.98 16.55
CA GLU A 14 21.01 12.14 15.47
C GLU A 14 20.39 10.76 15.56
N VAL A 15 19.57 10.42 14.55
CA VAL A 15 18.91 9.12 14.44
C VAL A 15 19.47 8.43 13.20
N GLY A 16 20.32 7.43 13.43
CA GLY A 16 21.01 6.74 12.36
C GLY A 16 21.99 7.70 11.71
N ASP A 17 21.78 7.98 10.43
CA ASP A 17 22.62 8.91 9.67
C ASP A 17 21.88 10.24 9.42
N SER A 18 20.64 10.35 9.94
CA SER A 18 19.78 11.53 9.73
C SER A 18 19.57 12.34 10.99
N THR A 19 19.60 13.69 10.87
CA THR A 19 19.34 14.60 11.98
C THR A 19 17.84 14.87 12.04
N PHE A 20 17.21 14.62 13.20
CA PHE A 20 15.79 14.91 13.35
C PHE A 20 15.68 16.17 14.21
N THR A 21 15.09 17.23 13.65
CA THR A 21 14.86 18.46 14.37
C THR A 21 13.37 18.50 14.61
N VAL A 22 12.98 18.21 15.86
CA VAL A 22 11.57 18.05 16.19
C VAL A 22 11.12 18.96 17.33
N LEU A 23 9.80 19.10 17.47
CA LEU A 23 9.20 19.84 18.60
C LEU A 23 9.57 19.11 19.90
N LYS A 24 9.80 19.88 20.97
CA LYS A 24 10.21 19.38 22.29
C LYS A 24 9.21 18.42 22.93
N ARG A 25 7.94 18.47 22.50
CA ARG A 25 6.91 17.52 22.96
C ARG A 25 7.28 16.07 22.63
N TYR A 26 8.10 15.86 21.59
CA TYR A 26 8.51 14.53 21.12
C TYR A 26 9.82 14.11 21.75
N GLN A 27 9.79 13.07 22.60
CA GLN A 27 10.96 12.63 23.35
C GLN A 27 11.35 11.19 22.99
N ASN A 28 12.61 10.82 23.33
CA ASN A 28 13.15 9.45 23.20
C ASN A 28 13.01 8.88 21.79
N LEU A 29 13.52 9.64 20.79
CA LEU A 29 13.38 9.16 19.40
C LEU A 29 14.21 7.91 19.15
N LYS A 30 13.62 6.88 18.51
CA LYS A 30 14.28 5.60 18.18
C LYS A 30 13.95 5.18 16.76
N PRO A 31 14.93 4.75 15.92
CA PRO A 31 14.58 4.40 14.53
C PRO A 31 13.72 3.13 14.46
N ILE A 32 12.71 3.15 13.58
CA ILE A 32 11.79 2.02 13.40
C ILE A 32 11.71 1.58 11.94
N GLY A 33 12.70 2.01 11.14
CA GLY A 33 12.82 1.65 9.73
C GLY A 33 12.50 2.73 8.71
N SER A 34 12.25 2.27 7.46
CA SER A 34 11.93 3.09 6.31
C SER A 34 10.95 2.33 5.41
N GLY A 35 9.71 2.80 5.37
CA GLY A 35 8.63 2.24 4.57
C GLY A 35 8.82 2.48 3.10
N ALA A 36 8.94 3.78 2.71
CA ALA A 36 9.12 4.20 1.31
C ALA A 36 9.71 5.62 1.10
N GLN A 37 8.98 6.70 1.53
CA GLN A 37 9.33 8.10 1.27
C GLN A 37 10.37 8.76 2.24
N GLY A 38 10.81 8.06 3.29
CA GLY A 38 11.78 8.63 4.21
C GLY A 38 12.23 7.78 5.39
N ILE A 39 12.75 8.46 6.42
CA ILE A 39 13.26 7.87 7.65
C ILE A 39 12.16 8.06 8.68
N VAL A 40 11.88 7.01 9.48
CA VAL A 40 10.78 7.01 10.45
C VAL A 40 11.29 6.63 11.83
N CYS A 41 10.87 7.35 12.87
N CYS A 41 10.87 7.40 12.87
CA CYS A 41 11.28 7.00 14.21
CA CYS A 41 11.21 7.18 14.27
C CYS A 41 10.04 6.88 15.12
C CYS A 41 10.00 6.91 15.13
N ALA A 42 10.17 6.16 16.22
CA ALA A 42 9.15 6.01 17.26
C ALA A 42 9.54 7.14 18.25
N ALA A 43 8.57 7.72 18.95
CA ALA A 43 8.84 8.77 19.94
C ALA A 43 7.70 8.79 20.94
N TYR A 44 7.93 9.36 22.12
CA TYR A 44 6.91 9.57 23.08
C TYR A 44 6.44 11.03 22.92
N ASP A 45 5.14 11.24 22.81
CA ASP A 45 4.57 12.58 22.71
C ASP A 45 4.06 12.94 24.10
N ALA A 46 4.81 13.81 24.80
CA ALA A 46 4.56 14.27 26.17
C ALA A 46 3.28 15.10 26.31
N VAL A 47 2.81 15.70 25.22
CA VAL A 47 1.58 16.50 25.21
C VAL A 47 0.34 15.59 25.13
N LEU A 48 0.35 14.60 24.21
CA LEU A 48 -0.78 13.66 24.07
C LEU A 48 -0.67 12.46 25.02
N ASP A 49 0.49 12.29 25.70
CA ASP A 49 0.80 11.18 26.61
C ASP A 49 0.66 9.83 25.87
N ARG A 50 1.20 9.78 24.65
CA ARG A 50 1.12 8.60 23.79
C ARG A 50 2.36 8.47 22.88
N ASN A 51 2.64 7.25 22.41
CA ASN A 51 3.74 6.96 21.48
C ASN A 51 3.30 7.28 20.08
N VAL A 52 4.21 7.85 19.28
CA VAL A 52 3.93 8.28 17.92
C VAL A 52 5.03 7.82 17.02
N ALA A 53 4.80 7.90 15.71
CA ALA A 53 5.82 7.63 14.69
C ALA A 53 6.00 8.95 14.00
N ILE A 54 7.27 9.33 13.74
CA ILE A 54 7.60 10.58 13.08
C ILE A 54 8.36 10.31 11.79
N LYS A 55 7.88 10.82 10.67
CA LYS A 55 8.55 10.63 9.37
C LYS A 55 9.10 11.97 8.94
N LYS A 56 10.37 11.98 8.49
CA LYS A 56 11.05 13.17 8.01
C LYS A 56 11.17 13.11 6.49
N LEU A 57 10.64 14.13 5.82
CA LEU A 57 10.77 14.30 4.35
C LEU A 57 11.88 15.33 4.18
N SER A 58 13.07 14.89 3.70
CA SER A 58 14.22 15.79 3.55
C SER A 58 14.19 16.50 2.18
N ARG A 59 14.11 17.86 2.17
CA ARG A 59 14.06 18.68 0.94
C ARG A 59 13.16 17.98 -0.09
N PRO A 60 11.85 17.73 0.22
CA PRO A 60 11.04 16.92 -0.71
C PRO A 60 10.86 17.53 -2.09
N PHE A 61 11.13 18.84 -2.23
CA PHE A 61 11.03 19.61 -3.45
C PHE A 61 12.28 19.44 -4.36
N GLN A 62 13.28 18.65 -3.91
CA GLN A 62 14.56 18.45 -4.61
C GLN A 62 14.44 17.91 -6.04
N ASN A 63 13.41 17.12 -6.34
CA ASN A 63 13.20 16.60 -7.70
C ASN A 63 11.69 16.35 -7.91
N GLN A 64 11.25 16.19 -9.17
CA GLN A 64 9.83 15.99 -9.52
C GLN A 64 9.15 14.86 -8.78
N THR A 65 9.81 13.70 -8.67
CA THR A 65 9.28 12.48 -8.05
C THR A 65 9.01 12.67 -6.57
N HIS A 66 10.00 13.15 -5.81
CA HIS A 66 9.77 13.37 -4.39
C HIS A 66 8.75 14.47 -4.18
N ALA A 67 8.80 15.55 -5.02
CA ALA A 67 7.89 16.69 -4.88
C ALA A 67 6.44 16.34 -5.10
N LYS A 68 6.14 15.66 -6.22
CA LYS A 68 4.78 15.28 -6.58
C LYS A 68 4.12 14.44 -5.51
N ARG A 69 4.85 13.41 -5.02
CA ARG A 69 4.35 12.51 -3.98
C ARG A 69 4.16 13.26 -2.66
N ALA A 70 5.18 14.02 -2.20
CA ALA A 70 5.04 14.76 -0.93
C ALA A 70 3.82 15.68 -0.94
N TYR A 71 3.63 16.44 -2.03
CA TYR A 71 2.52 17.35 -2.16
C TYR A 71 1.17 16.62 -2.23
N ARG A 72 1.05 15.62 -3.11
CA ARG A 72 -0.24 14.95 -3.27
C ARG A 72 -0.67 14.23 -1.99
N GLU A 73 0.28 13.69 -1.22
CA GLU A 73 -0.05 12.99 0.02
C GLU A 73 -0.42 13.97 1.11
N LEU A 74 0.15 15.18 1.12
CA LEU A 74 -0.24 16.21 2.10
C LEU A 74 -1.66 16.65 1.84
N VAL A 75 -2.01 16.83 0.55
CA VAL A 75 -3.35 17.24 0.12
C VAL A 75 -4.37 16.12 0.39
N LEU A 76 -4.08 14.87 -0.07
CA LEU A 76 -4.99 13.75 0.04
C LEU A 76 -5.33 13.32 1.47
N MET A 77 -4.45 13.60 2.45
CA MET A 77 -4.69 13.31 3.86
C MET A 77 -5.96 13.97 4.35
N LYS A 78 -6.25 15.17 3.82
CA LYS A 78 -7.42 15.97 4.19
C LYS A 78 -8.67 15.51 3.44
N CYS A 79 -8.52 14.71 2.36
CA CYS A 79 -9.64 14.19 1.56
C CYS A 79 -10.14 12.83 2.05
N VAL A 80 -9.47 12.28 3.08
CA VAL A 80 -9.80 10.98 3.67
C VAL A 80 -9.99 11.06 5.16
N ASN A 81 -10.83 10.18 5.68
CA ASN A 81 -11.14 10.09 7.09
C ASN A 81 -11.68 8.69 7.35
N HIS A 82 -10.76 7.73 7.53
CA HIS A 82 -11.12 6.33 7.75
C HIS A 82 -10.09 5.67 8.63
N LYS A 83 -10.55 4.81 9.57
CA LYS A 83 -9.66 4.11 10.50
C LYS A 83 -8.63 3.19 9.83
N ASN A 84 -8.86 2.76 8.57
CA ASN A 84 -7.87 1.90 7.90
C ASN A 84 -6.96 2.67 6.96
N ILE A 85 -7.00 4.01 7.04
CA ILE A 85 -6.15 4.88 6.21
C ILE A 85 -5.38 5.82 7.15
N ILE A 86 -4.10 6.07 6.85
CA ILE A 86 -3.27 6.99 7.62
C ILE A 86 -4.03 8.31 7.93
N SER A 87 -3.90 8.78 9.15
CA SER A 87 -4.41 10.06 9.58
C SER A 87 -3.25 10.71 10.36
N LEU A 88 -2.96 11.98 10.07
CA LEU A 88 -1.83 12.62 10.74
C LEU A 88 -2.27 13.29 12.03
N LEU A 89 -1.45 13.16 13.08
CA LEU A 89 -1.64 13.84 14.37
C LEU A 89 -1.03 15.24 14.28
N ASN A 90 0.05 15.37 13.48
CA ASN A 90 0.77 16.63 13.34
C ASN A 90 1.60 16.69 12.05
N VAL A 91 1.86 17.91 11.62
CA VAL A 91 2.69 18.24 10.47
C VAL A 91 3.43 19.50 10.83
N PHE A 92 4.76 19.48 10.72
CA PHE A 92 5.53 20.68 11.04
C PHE A 92 6.83 20.76 10.26
N THR A 93 7.41 21.94 10.25
CA THR A 93 8.74 22.25 9.75
C THR A 93 9.48 23.09 10.82
N PRO A 94 10.74 22.77 11.15
CA PRO A 94 11.50 23.61 12.10
C PRO A 94 11.94 24.91 11.47
N GLN A 95 11.94 25.00 10.13
CA GLN A 95 12.36 26.22 9.44
C GLN A 95 11.29 27.29 9.50
N LYS A 96 11.71 28.53 9.70
CA LYS A 96 10.84 29.69 9.94
C LYS A 96 10.24 30.40 8.73
N THR A 97 10.89 30.34 7.56
CA THR A 97 10.41 31.07 6.37
C THR A 97 10.42 30.17 5.13
N LEU A 98 9.78 30.62 4.01
CA LEU A 98 9.84 29.85 2.77
C LEU A 98 11.30 29.74 2.29
N GLU A 99 12.08 30.83 2.40
CA GLU A 99 13.47 30.85 1.95
C GLU A 99 14.35 29.80 2.67
N GLU A 100 14.12 29.62 3.97
CA GLU A 100 14.88 28.71 4.80
C GLU A 100 14.36 27.26 4.76
N PHE A 101 13.10 27.08 4.34
CA PHE A 101 12.41 25.80 4.32
C PHE A 101 13.23 24.65 3.70
N GLN A 102 13.38 23.57 4.48
CA GLN A 102 14.11 22.35 4.07
C GLN A 102 13.31 21.07 4.24
N ASP A 103 12.84 20.80 5.46
CA ASP A 103 12.25 19.52 5.78
C ASP A 103 10.85 19.60 6.34
N VAL A 104 10.08 18.52 6.12
CA VAL A 104 8.71 18.32 6.58
C VAL A 104 8.71 17.13 7.52
N TYR A 105 8.02 17.28 8.67
CA TYR A 105 7.86 16.19 9.63
C TYR A 105 6.41 15.82 9.72
N LEU A 106 6.13 14.53 9.59
CA LEU A 106 4.76 14.02 9.65
C LEU A 106 4.66 13.13 10.88
N VAL A 107 3.57 13.27 11.65
CA VAL A 107 3.39 12.52 12.91
C VAL A 107 2.09 11.72 12.86
N MET A 108 2.14 10.44 13.26
CA MET A 108 0.94 9.61 13.32
C MET A 108 1.06 8.71 14.52
N GLU A 109 0.01 7.95 14.82
CA GLU A 109 0.10 7.03 15.93
C GLU A 109 1.12 5.93 15.68
N LEU A 110 1.80 5.51 16.75
CA LEU A 110 2.79 4.46 16.63
C LEU A 110 2.12 3.08 16.44
N MET A 111 2.46 2.40 15.33
CA MET A 111 1.92 1.07 15.07
C MET A 111 2.91 0.03 15.58
N ASP A 112 2.63 -1.29 15.38
CA ASP A 112 3.52 -2.28 15.96
C ASP A 112 4.41 -3.01 14.97
N ALA A 113 3.99 -3.10 13.69
CA ALA A 113 4.76 -3.82 12.66
C ALA A 113 4.31 -3.37 11.29
N ASN A 114 5.10 -3.69 10.29
CA ASN A 114 4.80 -3.49 8.88
C ASN A 114 4.10 -4.81 8.45
N LEU A 115 3.32 -4.76 7.38
CA LEU A 115 2.65 -5.99 6.91
C LEU A 115 3.66 -7.07 6.40
N CYS A 116 4.88 -6.67 5.94
CA CYS A 116 5.90 -7.62 5.47
C CYS A 116 6.26 -8.58 6.60
N GLN A 117 6.34 -8.04 7.83
CA GLN A 117 6.63 -8.83 9.02
C GLN A 117 5.51 -9.81 9.30
N VAL A 118 4.27 -9.34 9.21
CA VAL A 118 3.04 -10.13 9.46
C VAL A 118 2.90 -11.30 8.47
N ILE A 119 3.20 -11.04 7.18
CA ILE A 119 3.14 -12.03 6.08
C ILE A 119 4.03 -13.23 6.35
N GLN A 120 5.17 -13.01 7.02
CA GLN A 120 6.13 -14.05 7.34
C GLN A 120 5.62 -14.99 8.44
N MET A 121 4.55 -14.63 9.15
CA MET A 121 4.05 -15.44 10.26
C MET A 121 2.98 -16.39 9.80
N GLU A 122 2.73 -17.44 10.58
CA GLU A 122 1.64 -18.36 10.29
C GLU A 122 0.44 -17.69 10.98
N LEU A 123 -0.57 -17.30 10.20
CA LEU A 123 -1.75 -16.63 10.76
C LEU A 123 -2.94 -17.56 10.66
N ASP A 124 -3.83 -17.49 11.66
CA ASP A 124 -5.06 -18.25 11.56
C ASP A 124 -5.99 -17.54 10.55
N HIS A 125 -7.14 -18.16 10.24
CA HIS A 125 -8.12 -17.59 9.31
C HIS A 125 -8.78 -16.33 9.88
N GLU A 126 -8.99 -16.28 11.21
CA GLU A 126 -9.58 -15.11 11.86
C GLU A 126 -8.71 -13.85 11.62
N ARG A 127 -7.40 -13.95 11.81
CA ARG A 127 -6.48 -12.84 11.60
C ARG A 127 -6.32 -12.50 10.14
N MET A 128 -6.16 -13.52 9.27
CA MET A 128 -6.04 -13.25 7.84
C MET A 128 -7.30 -12.59 7.25
N SER A 129 -8.50 -13.12 7.53
CA SER A 129 -9.75 -12.56 7.02
C SER A 129 -9.97 -11.13 7.54
N TYR A 130 -9.61 -10.87 8.80
CA TYR A 130 -9.76 -9.52 9.39
C TYR A 130 -8.77 -8.52 8.78
N LEU A 131 -7.52 -8.95 8.52
CA LEU A 131 -6.56 -8.05 7.83
C LEU A 131 -7.04 -7.75 6.41
N LEU A 132 -7.54 -8.77 5.69
CA LEU A 132 -8.00 -8.56 4.33
C LEU A 132 -9.24 -7.70 4.29
N TYR A 133 -10.18 -7.93 5.23
CA TYR A 133 -11.40 -7.14 5.40
C TYR A 133 -11.04 -5.63 5.55
N GLN A 134 -10.09 -5.33 6.43
CA GLN A 134 -9.61 -3.95 6.69
C GLN A 134 -8.94 -3.34 5.48
N MET A 135 -8.15 -4.13 4.74
CA MET A 135 -7.52 -3.65 3.48
C MET A 135 -8.62 -3.25 2.48
N LEU A 136 -9.69 -4.07 2.40
CA LEU A 136 -10.82 -3.84 1.52
C LEU A 136 -11.62 -2.60 1.95
N CYS A 137 -11.83 -2.41 3.27
CA CYS A 137 -12.54 -1.22 3.80
C CYS A 137 -11.75 0.02 3.44
N GLY A 138 -10.43 -0.04 3.63
CA GLY A 138 -9.53 1.06 3.31
C GLY A 138 -9.53 1.43 1.84
N ILE A 139 -9.46 0.42 0.95
CA ILE A 139 -9.47 0.65 -0.51
C ILE A 139 -10.84 1.20 -0.98
N LYS A 140 -11.94 0.69 -0.42
CA LYS A 140 -13.31 1.15 -0.74
C LYS A 140 -13.45 2.64 -0.33
N HIS A 141 -12.90 3.03 0.84
CA HIS A 141 -12.90 4.43 1.30
C HIS A 141 -12.15 5.32 0.31
N LEU A 142 -10.94 4.90 -0.10
CA LEU A 142 -10.15 5.61 -1.10
C LEU A 142 -10.93 5.77 -2.40
N HIS A 143 -11.48 4.66 -2.95
CA HIS A 143 -12.25 4.70 -4.18
C HIS A 143 -13.41 5.68 -4.09
N SER A 144 -14.15 5.68 -2.95
CA SER A 144 -15.29 6.58 -2.74
C SER A 144 -14.85 8.06 -2.72
N ALA A 145 -13.58 8.33 -2.37
CA ALA A 145 -13.00 9.68 -2.37
C ALA A 145 -12.37 10.07 -3.73
N GLY A 146 -12.49 9.20 -4.72
CA GLY A 146 -11.96 9.44 -6.07
C GLY A 146 -10.49 9.06 -6.18
N ILE A 147 -10.01 8.21 -5.26
CA ILE A 147 -8.60 7.81 -5.27
C ILE A 147 -8.50 6.31 -5.66
N ILE A 148 -7.92 6.02 -6.84
CA ILE A 148 -7.65 4.63 -7.27
C ILE A 148 -6.15 4.49 -7.07
N HIS A 149 -5.73 3.68 -6.06
CA HIS A 149 -4.35 3.54 -5.54
C HIS A 149 -3.35 3.11 -6.61
N ARG A 150 -3.55 1.91 -7.19
CA ARG A 150 -2.74 1.29 -8.24
C ARG A 150 -1.37 0.80 -7.81
N ASP A 151 -0.90 1.16 -6.59
CA ASP A 151 0.40 0.66 -6.15
C ASP A 151 0.38 0.17 -4.69
N LEU A 152 -0.68 -0.58 -4.32
CA LEU A 152 -0.76 -1.10 -2.97
C LEU A 152 0.27 -2.19 -2.76
N LYS A 153 1.03 -2.11 -1.65
CA LYS A 153 2.04 -3.13 -1.33
C LYS A 153 2.25 -3.24 0.19
N PRO A 154 2.69 -4.43 0.68
CA PRO A 154 2.79 -4.64 2.14
C PRO A 154 3.73 -3.69 2.87
N SER A 155 4.79 -3.20 2.21
CA SER A 155 5.75 -2.31 2.90
C SER A 155 5.11 -0.93 3.27
N ASN A 156 3.94 -0.58 2.67
CA ASN A 156 3.19 0.66 2.94
C ASN A 156 1.95 0.40 3.79
N ILE A 157 1.92 -0.77 4.48
CA ILE A 157 0.79 -1.15 5.33
C ILE A 157 1.35 -1.53 6.68
N VAL A 158 0.71 -1.03 7.76
CA VAL A 158 1.13 -1.22 9.14
C VAL A 158 0.02 -1.75 9.97
N VAL A 159 0.38 -2.49 11.02
CA VAL A 159 -0.59 -3.15 11.84
C VAL A 159 -0.23 -3.00 13.34
N LYS A 160 -1.22 -3.16 14.19
CA LYS A 160 -1.02 -3.15 15.65
C LYS A 160 -1.19 -4.59 16.16
N SER A 161 -0.78 -4.86 17.42
CA SER A 161 -0.91 -6.19 18.02
C SER A 161 -2.35 -6.70 18.06
N ASP A 162 -3.32 -5.78 18.12
CA ASP A 162 -4.73 -6.15 18.14
C ASP A 162 -5.26 -6.47 16.73
N CYS A 163 -4.35 -6.60 15.73
CA CYS A 163 -4.68 -6.99 14.35
C CYS A 163 -5.34 -5.85 13.55
N THR A 164 -5.28 -4.61 14.10
CA THR A 164 -5.80 -3.38 13.47
C THR A 164 -4.82 -2.98 12.34
N LEU A 165 -5.31 -2.41 11.22
CA LEU A 165 -4.48 -2.13 10.04
C LEU A 165 -4.68 -0.73 9.47
N LYS A 166 -3.59 -0.14 8.93
CA LYS A 166 -3.68 1.14 8.21
C LYS A 166 -2.84 1.12 6.95
N ILE A 167 -3.36 1.69 5.86
CA ILE A 167 -2.61 1.87 4.61
C ILE A 167 -1.95 3.27 4.73
N LEU A 168 -0.65 3.36 4.48
CA LEU A 168 0.10 4.62 4.68
C LEU A 168 0.25 5.51 3.47
N ASP A 169 -0.04 5.04 2.25
CA ASP A 169 0.21 5.89 1.09
C ASP A 169 -1.00 5.96 0.15
N PHE A 170 -0.88 6.76 -0.92
CA PHE A 170 -2.00 6.97 -1.84
C PHE A 170 -1.71 6.56 -3.29
N GLY A 171 -0.65 5.78 -3.49
CA GLY A 171 -0.27 5.21 -4.78
C GLY A 171 0.25 6.12 -5.86
N LEU A 172 -0.12 5.79 -7.12
CA LEU A 172 0.34 6.47 -8.34
C LEU A 172 -0.42 7.76 -8.66
N ALA A 173 0.31 8.75 -9.22
CA ALA A 173 -0.22 10.03 -9.68
C ALA A 173 -1.28 9.86 -10.77
N SER A 179 10.07 10.63 -14.91
CA SER A 179 10.20 9.76 -13.74
C SER A 179 11.53 9.01 -13.79
N PHE A 180 12.44 9.38 -12.86
CA PHE A 180 13.79 8.83 -12.72
C PHE A 180 14.34 9.18 -11.33
N MET A 181 14.90 8.19 -10.64
CA MET A 181 15.48 8.38 -9.33
C MET A 181 17.00 8.32 -9.40
N MET A 182 17.66 9.38 -8.94
CA MET A 182 19.12 9.51 -8.93
C MET A 182 19.71 8.90 -7.65
N THR A 183 18.84 8.52 -6.69
CA THR A 183 19.17 7.91 -5.40
C THR A 183 19.30 6.36 -5.56
N PRO A 184 19.72 5.59 -4.51
CA PRO A 184 19.86 4.13 -4.70
C PRO A 184 18.61 3.28 -4.42
N TYR A 185 17.54 3.85 -3.79
CA TYR A 185 16.33 3.08 -3.46
C TYR A 185 15.47 2.75 -4.68
N VAL A 186 15.22 1.44 -4.86
CA VAL A 186 14.46 0.85 -5.96
C VAL A 186 12.99 0.58 -5.61
N VAL A 187 12.12 0.60 -6.64
CA VAL A 187 10.68 0.40 -6.50
C VAL A 187 10.29 -1.08 -6.53
N THR A 188 9.30 -1.44 -5.70
CA THR A 188 8.73 -2.78 -5.62
C THR A 188 7.49 -2.79 -6.53
N ARG A 189 7.55 -3.58 -7.62
CA ARG A 189 6.49 -3.65 -8.62
C ARG A 189 5.62 -4.90 -8.58
N TYR A 190 5.97 -5.90 -7.74
CA TYR A 190 5.36 -7.25 -7.68
C TYR A 190 3.86 -7.32 -7.40
N TYR A 191 3.31 -6.26 -6.80
CA TYR A 191 1.89 -6.27 -6.40
C TYR A 191 1.03 -5.50 -7.41
N ARG A 192 1.65 -4.97 -8.47
CA ARG A 192 0.96 -4.20 -9.48
C ARG A 192 0.13 -5.06 -10.42
N ALA A 193 -1.07 -4.56 -10.76
CA ALA A 193 -2.00 -5.27 -11.62
C ALA A 193 -1.54 -5.37 -13.07
N PRO A 194 -2.00 -6.40 -13.82
CA PRO A 194 -1.65 -6.47 -15.25
C PRO A 194 -1.95 -5.17 -16.01
N GLU A 195 -3.01 -4.43 -15.64
CA GLU A 195 -3.32 -3.15 -16.31
C GLU A 195 -2.26 -2.08 -16.11
N VAL A 196 -1.60 -2.10 -14.94
CA VAL A 196 -0.48 -1.21 -14.64
C VAL A 196 0.74 -1.78 -15.38
N ILE A 197 1.02 -3.08 -15.26
CA ILE A 197 2.17 -3.74 -15.94
C ILE A 197 2.14 -3.47 -17.47
N LEU A 198 0.96 -3.59 -18.09
CA LEU A 198 0.81 -3.49 -19.54
C LEU A 198 0.30 -2.12 -20.08
N GLY A 199 0.15 -1.13 -19.21
CA GLY A 199 -0.28 0.25 -19.55
C GLY A 199 -1.64 0.31 -20.20
N MET A 200 -2.64 -0.30 -19.55
CA MET A 200 -3.95 -0.52 -20.14
C MET A 200 -5.10 0.43 -19.90
N GLY A 201 -5.12 1.12 -18.80
CA GLY A 201 -6.35 1.80 -18.49
C GLY A 201 -6.98 0.86 -17.48
N TYR A 202 -7.68 1.40 -16.50
CA TYR A 202 -8.13 0.63 -15.36
C TYR A 202 -9.39 1.22 -14.75
N LYS A 203 -9.93 0.49 -13.75
CA LYS A 203 -11.05 0.90 -12.92
C LYS A 203 -10.66 0.50 -11.49
N GLU A 204 -11.57 0.71 -10.54
CA GLU A 204 -11.42 0.43 -9.12
C GLU A 204 -10.80 -0.93 -8.78
N ASN A 205 -11.22 -2.01 -9.48
CA ASN A 205 -10.75 -3.37 -9.16
C ASN A 205 -9.28 -3.62 -9.53
N VAL A 206 -8.58 -2.60 -10.06
CA VAL A 206 -7.11 -2.68 -10.28
C VAL A 206 -6.45 -3.00 -8.90
N ASP A 207 -7.04 -2.45 -7.79
CA ASP A 207 -6.54 -2.62 -6.43
C ASP A 207 -6.84 -4.00 -5.87
N ILE A 208 -7.84 -4.68 -6.43
CA ILE A 208 -8.17 -6.03 -5.99
C ILE A 208 -7.03 -6.99 -6.32
N TRP A 209 -6.36 -6.80 -7.49
CA TRP A 209 -5.23 -7.66 -7.84
C TRP A 209 -4.15 -7.61 -6.75
N SER A 210 -3.82 -6.40 -6.25
CA SER A 210 -2.79 -6.20 -5.23
C SER A 210 -3.22 -6.92 -3.95
N VAL A 211 -4.51 -6.84 -3.59
CA VAL A 211 -4.99 -7.53 -2.39
C VAL A 211 -4.78 -9.05 -2.56
N GLY A 212 -5.02 -9.54 -3.78
CA GLY A 212 -4.85 -10.95 -4.15
C GLY A 212 -3.40 -11.37 -4.00
N CYS A 213 -2.46 -10.49 -4.45
CA CYS A 213 -1.02 -10.76 -4.35
C CYS A 213 -0.62 -10.86 -2.88
N ILE A 214 -1.18 -9.97 -2.04
CA ILE A 214 -0.90 -9.96 -0.59
C ILE A 214 -1.46 -11.20 0.06
N MET A 215 -2.72 -11.55 -0.24
CA MET A 215 -3.36 -12.73 0.34
C MET A 215 -2.62 -13.99 -0.05
N GLY A 216 -2.25 -14.10 -1.32
CA GLY A 216 -1.52 -15.27 -1.81
C GLY A 216 -0.17 -15.45 -1.15
N GLU A 217 0.55 -14.31 -0.93
CA GLU A 217 1.85 -14.37 -0.28
C GLU A 217 1.68 -14.74 1.23
N MET A 218 0.54 -14.39 1.86
CA MET A 218 0.23 -14.76 3.24
C MET A 218 0.14 -16.26 3.38
N VAL A 219 -0.36 -16.93 2.35
CA VAL A 219 -0.54 -18.37 2.31
C VAL A 219 0.77 -19.07 1.91
N ARG A 220 1.44 -18.58 0.86
CA ARG A 220 2.60 -19.23 0.27
C ARG A 220 3.93 -18.94 0.95
N HIS A 221 4.04 -17.76 1.55
CA HIS A 221 5.24 -17.22 2.19
C HIS A 221 6.36 -16.98 1.16
N LYS A 222 5.94 -16.66 -0.09
CA LYS A 222 6.84 -16.33 -1.20
C LYS A 222 6.10 -15.30 -2.06
N ILE A 223 6.84 -14.29 -2.58
CA ILE A 223 6.25 -13.31 -3.50
C ILE A 223 5.67 -14.13 -4.71
N LEU A 224 4.43 -13.88 -5.09
CA LEU A 224 3.75 -14.62 -6.19
C LEU A 224 4.34 -14.33 -7.55
N PHE A 225 4.56 -13.03 -7.86
CA PHE A 225 5.01 -12.62 -9.19
C PHE A 225 6.32 -11.82 -9.11
N PRO A 226 7.47 -12.47 -8.78
CA PRO A 226 8.72 -11.72 -8.69
C PRO A 226 9.31 -11.47 -10.08
N GLY A 227 10.37 -10.68 -10.14
CA GLY A 227 11.06 -10.41 -11.41
C GLY A 227 11.90 -9.17 -11.38
N ARG A 228 12.97 -9.13 -12.20
CA ARG A 228 13.89 -7.98 -12.31
C ARG A 228 13.11 -6.74 -12.73
N ASP A 229 12.18 -6.91 -13.68
CA ASP A 229 11.27 -5.85 -14.14
C ASP A 229 10.00 -6.50 -14.71
N TYR A 230 9.17 -5.75 -15.45
CA TYR A 230 7.92 -6.27 -15.94
C TYR A 230 8.01 -7.49 -16.84
N ILE A 231 9.13 -7.67 -17.57
CA ILE A 231 9.29 -8.83 -18.46
C ILE A 231 9.21 -10.13 -17.65
N ASP A 232 10.10 -10.29 -16.66
CA ASP A 232 10.13 -11.46 -15.77
C ASP A 232 8.83 -11.56 -15.03
N GLN A 233 8.29 -10.42 -14.52
CA GLN A 233 7.05 -10.42 -13.76
C GLN A 233 5.89 -10.96 -14.57
N TRP A 234 5.74 -10.49 -15.84
CA TRP A 234 4.66 -10.99 -16.69
C TRP A 234 4.77 -12.49 -16.92
N ASN A 235 6.01 -13.01 -17.10
CA ASN A 235 6.26 -14.44 -17.30
C ASN A 235 5.73 -15.24 -16.12
N LYS A 236 5.94 -14.75 -14.89
CA LYS A 236 5.47 -15.42 -13.66
C LYS A 236 3.97 -15.44 -13.56
N VAL A 237 3.33 -14.37 -14.02
CA VAL A 237 1.87 -14.25 -14.03
C VAL A 237 1.30 -15.30 -14.98
N ILE A 238 1.75 -15.29 -16.26
CA ILE A 238 1.25 -16.23 -17.27
C ILE A 238 1.63 -17.69 -16.97
N GLU A 239 2.83 -17.96 -16.42
CA GLU A 239 3.20 -19.33 -16.04
C GLU A 239 2.21 -19.94 -15.05
N GLN A 240 1.77 -19.15 -14.07
CA GLN A 240 0.89 -19.60 -13.01
C GLN A 240 -0.58 -19.53 -13.32
N LEU A 241 -1.04 -18.41 -13.88
CA LEU A 241 -2.47 -18.21 -14.18
C LEU A 241 -2.87 -18.56 -15.58
N GLY A 242 -1.90 -18.74 -16.46
CA GLY A 242 -2.15 -19.08 -17.86
C GLY A 242 -2.33 -17.83 -18.71
N THR A 243 -2.12 -17.99 -20.02
CA THR A 243 -2.26 -16.92 -20.99
C THR A 243 -3.70 -16.39 -20.94
N PRO A 244 -3.91 -15.05 -20.89
CA PRO A 244 -5.29 -14.55 -20.85
C PRO A 244 -6.05 -14.74 -22.17
N CYS A 245 -7.40 -14.69 -22.09
CA CYS A 245 -8.39 -14.85 -23.17
C CYS A 245 -8.19 -13.83 -24.33
N PRO A 246 -8.61 -14.16 -25.57
CA PRO A 246 -8.50 -13.19 -26.68
C PRO A 246 -9.26 -11.88 -26.43
N GLU A 247 -10.33 -11.93 -25.58
CA GLU A 247 -11.12 -10.76 -25.19
C GLU A 247 -10.26 -9.77 -24.38
N PHE A 248 -9.32 -10.31 -23.58
CA PHE A 248 -8.42 -9.47 -22.80
C PHE A 248 -7.43 -8.76 -23.76
N MET A 249 -6.87 -9.52 -24.70
CA MET A 249 -5.89 -9.02 -25.67
C MET A 249 -6.33 -7.76 -26.44
N LYS A 250 -7.64 -7.70 -26.78
CA LYS A 250 -8.26 -6.61 -27.56
C LYS A 250 -8.22 -5.25 -26.86
N LYS A 251 -8.05 -5.24 -25.53
CA LYS A 251 -8.01 -4.02 -24.72
C LYS A 251 -6.58 -3.48 -24.52
N LEU A 252 -5.57 -4.16 -25.11
CA LEU A 252 -4.15 -3.79 -25.05
C LEU A 252 -3.80 -2.87 -26.23
N GLN A 253 -2.82 -1.96 -26.03
CA GLN A 253 -2.33 -1.08 -27.10
C GLN A 253 -1.64 -1.97 -28.14
N PRO A 254 -1.63 -1.60 -29.44
CA PRO A 254 -1.11 -2.54 -30.47
C PRO A 254 0.27 -3.17 -30.23
N THR A 255 1.28 -2.38 -29.82
CA THR A 255 2.63 -2.90 -29.61
C THR A 255 2.70 -3.84 -28.39
N VAL A 256 2.08 -3.48 -27.27
CA VAL A 256 2.08 -4.37 -26.09
C VAL A 256 1.29 -5.66 -26.40
N ARG A 257 0.21 -5.54 -27.20
CA ARG A 257 -0.60 -6.66 -27.66
C ARG A 257 0.26 -7.65 -28.47
N ASN A 258 1.10 -7.13 -29.40
CA ASN A 258 2.00 -7.97 -30.20
C ASN A 258 2.97 -8.71 -29.28
N TYR A 259 3.52 -8.00 -28.26
CA TYR A 259 4.43 -8.59 -27.29
C TYR A 259 3.72 -9.73 -26.54
N VAL A 260 2.55 -9.44 -25.94
CA VAL A 260 1.77 -10.37 -25.12
C VAL A 260 1.33 -11.60 -25.94
N GLU A 261 0.77 -11.38 -27.14
CA GLU A 261 0.32 -12.47 -28.02
C GLU A 261 1.46 -13.38 -28.50
N ASN A 262 2.72 -12.88 -28.56
CA ASN A 262 3.86 -13.66 -29.04
C ASN A 262 4.66 -14.38 -27.95
N ARG A 263 4.27 -14.24 -26.66
CA ARG A 263 4.88 -14.99 -25.57
C ARG A 263 4.38 -16.45 -25.68
N PRO A 264 5.11 -17.49 -25.19
CA PRO A 264 4.58 -18.87 -25.24
C PRO A 264 3.24 -19.00 -24.52
N LYS A 265 2.31 -19.81 -25.07
CA LYS A 265 0.98 -19.97 -24.46
C LYS A 265 1.02 -20.96 -23.29
N TYR A 266 0.40 -20.59 -22.17
CA TYR A 266 0.33 -21.38 -20.94
C TYR A 266 -1.08 -21.70 -20.56
N ALA A 267 -1.31 -22.93 -20.10
CA ALA A 267 -2.61 -23.41 -19.70
C ALA A 267 -3.03 -22.76 -18.37
N GLY A 268 -2.06 -22.57 -17.48
CA GLY A 268 -2.27 -22.04 -16.15
C GLY A 268 -2.59 -23.16 -15.18
N LEU A 269 -2.09 -23.04 -13.96
CA LEU A 269 -2.34 -24.06 -12.94
C LEU A 269 -3.67 -23.76 -12.26
N THR A 270 -4.36 -24.82 -11.81
CA THR A 270 -5.61 -24.67 -11.06
C THR A 270 -5.25 -24.03 -9.68
N PHE A 271 -6.25 -23.43 -8.98
CA PHE A 271 -6.05 -22.81 -7.67
C PHE A 271 -5.73 -23.85 -6.56
N PRO A 272 -6.24 -25.12 -6.61
CA PRO A 272 -5.78 -26.12 -5.62
C PRO A 272 -4.28 -26.42 -5.82
N LYS A 273 -3.80 -26.42 -7.07
CA LYS A 273 -2.39 -26.62 -7.41
C LYS A 273 -1.54 -25.41 -6.97
N LEU A 274 -2.04 -24.21 -7.22
CA LEU A 274 -1.37 -22.95 -6.82
C LEU A 274 -1.28 -22.76 -5.32
N PHE A 275 -2.36 -23.11 -4.58
CA PHE A 275 -2.43 -22.95 -3.14
C PHE A 275 -2.91 -24.27 -2.53
N PRO A 276 -2.00 -25.28 -2.46
CA PRO A 276 -2.40 -26.60 -1.94
C PRO A 276 -2.90 -26.62 -0.49
N ASP A 277 -3.70 -27.67 -0.17
CA ASP A 277 -4.29 -27.91 1.17
C ASP A 277 -3.29 -27.78 2.30
N SER A 278 -2.04 -28.25 2.07
CA SER A 278 -0.92 -28.19 3.02
C SER A 278 -0.58 -26.77 3.51
N LEU A 279 -0.95 -25.72 2.75
CA LEU A 279 -0.69 -24.34 3.14
C LEU A 279 -1.67 -23.81 4.19
N PHE A 280 -2.81 -24.50 4.39
CA PHE A 280 -3.83 -24.10 5.35
C PHE A 280 -4.04 -25.15 6.45
N PRO A 281 -4.48 -24.78 7.68
CA PRO A 281 -4.78 -25.81 8.70
C PRO A 281 -5.95 -26.72 8.27
N ALA A 282 -5.76 -28.06 8.38
CA ALA A 282 -6.72 -29.09 7.96
C ALA A 282 -7.26 -29.88 9.16
N ASP A 283 -7.09 -29.32 10.36
CA ASP A 283 -7.53 -29.96 11.58
C ASP A 283 -9.07 -30.07 11.65
N SER A 284 -9.76 -28.97 11.92
CA SER A 284 -11.20 -28.92 12.11
C SER A 284 -12.05 -28.77 10.83
N GLU A 285 -13.35 -29.04 10.96
CA GLU A 285 -14.33 -28.85 9.91
C GLU A 285 -14.39 -27.33 9.62
N HIS A 286 -14.30 -26.52 10.69
CA HIS A 286 -14.22 -25.06 10.56
C HIS A 286 -13.06 -24.66 9.65
N ASN A 287 -11.85 -25.20 9.92
CA ASN A 287 -10.70 -24.82 9.10
C ASN A 287 -10.73 -25.43 7.71
N LYS A 288 -11.34 -26.62 7.53
CA LYS A 288 -11.47 -27.20 6.19
C LYS A 288 -12.30 -26.23 5.30
N LEU A 289 -13.40 -25.71 5.88
CA LEU A 289 -14.32 -24.80 5.17
C LEU A 289 -13.67 -23.47 4.87
N LYS A 290 -12.95 -22.93 5.87
CA LYS A 290 -12.30 -21.65 5.70
C LYS A 290 -11.22 -21.74 4.62
N ALA A 291 -10.50 -22.89 4.55
CA ALA A 291 -9.49 -23.10 3.50
C ALA A 291 -10.09 -23.05 2.09
N SER A 292 -11.25 -23.70 1.89
CA SER A 292 -11.95 -23.70 0.59
C SER A 292 -12.43 -22.29 0.25
N GLN A 293 -12.95 -21.54 1.24
CA GLN A 293 -13.38 -20.14 1.03
C GLN A 293 -12.22 -19.22 0.70
N ALA A 294 -11.08 -19.37 1.40
CA ALA A 294 -9.88 -18.57 1.16
C ALA A 294 -9.39 -18.80 -0.28
N ARG A 295 -9.30 -20.07 -0.72
CA ARG A 295 -8.84 -20.41 -2.06
C ARG A 295 -9.82 -19.88 -3.11
N ASP A 296 -11.14 -19.91 -2.82
CA ASP A 296 -12.17 -19.39 -3.72
C ASP A 296 -12.02 -17.86 -3.90
N LEU A 297 -11.71 -17.16 -2.80
CA LEU A 297 -11.49 -15.73 -2.88
C LEU A 297 -10.24 -15.42 -3.72
N LEU A 298 -9.16 -16.21 -3.52
CA LEU A 298 -7.92 -16.07 -4.27
C LEU A 298 -8.18 -16.24 -5.76
N SER A 299 -8.99 -17.24 -6.12
CA SER A 299 -9.36 -17.52 -7.51
C SER A 299 -10.17 -16.38 -8.16
N LYS A 300 -10.85 -15.55 -7.36
CA LYS A 300 -11.62 -14.42 -7.89
C LYS A 300 -10.82 -13.08 -7.94
N MET A 301 -9.73 -12.98 -7.17
CA MET A 301 -8.90 -11.75 -7.11
C MET A 301 -7.71 -11.84 -8.04
N LEU A 302 -7.09 -13.02 -8.11
CA LEU A 302 -5.94 -13.24 -8.98
C LEU A 302 -6.45 -13.65 -10.38
N VAL A 303 -7.11 -12.69 -11.06
CA VAL A 303 -7.60 -12.91 -12.41
C VAL A 303 -7.10 -11.75 -13.27
N ILE A 304 -6.33 -12.12 -14.30
CA ILE A 304 -5.65 -11.20 -15.23
C ILE A 304 -6.61 -10.20 -15.83
N ASP A 305 -7.71 -10.68 -16.44
CA ASP A 305 -8.69 -9.78 -17.09
C ASP A 305 -9.52 -9.02 -16.05
N PRO A 306 -9.42 -7.65 -15.96
CA PRO A 306 -10.22 -6.90 -14.97
C PRO A 306 -11.73 -7.01 -15.16
N ALA A 307 -12.19 -7.29 -16.41
CA ALA A 307 -13.62 -7.49 -16.68
C ALA A 307 -14.18 -8.75 -15.99
N LYS A 308 -13.30 -9.70 -15.57
CA LYS A 308 -13.64 -10.95 -14.92
C LYS A 308 -13.24 -11.01 -13.43
N ARG A 309 -12.32 -10.13 -12.98
CA ARG A 309 -11.86 -10.05 -11.59
C ARG A 309 -12.97 -9.44 -10.70
N ILE A 310 -13.14 -9.94 -9.47
CA ILE A 310 -14.16 -9.44 -8.53
C ILE A 310 -14.00 -7.98 -8.18
N SER A 311 -15.13 -7.32 -7.86
CA SER A 311 -15.12 -5.92 -7.42
C SER A 311 -14.80 -5.84 -5.91
N VAL A 312 -14.51 -4.63 -5.41
CA VAL A 312 -14.25 -4.40 -3.97
C VAL A 312 -15.53 -4.77 -3.18
N ASP A 313 -16.69 -4.32 -3.66
CA ASP A 313 -17.98 -4.59 -3.02
C ASP A 313 -18.31 -6.08 -3.01
N ASP A 314 -18.00 -6.82 -4.10
CA ASP A 314 -18.28 -8.26 -4.10
C ASP A 314 -17.27 -9.01 -3.23
N ALA A 315 -16.01 -8.53 -3.15
CA ALA A 315 -15.00 -9.14 -2.26
C ALA A 315 -15.44 -9.02 -0.80
N LEU A 316 -16.02 -7.87 -0.43
CA LEU A 316 -16.52 -7.60 0.93
C LEU A 316 -17.73 -8.45 1.30
N GLN A 317 -18.48 -8.94 0.27
CA GLN A 317 -19.65 -9.83 0.43
C GLN A 317 -19.25 -11.30 0.37
N HIS A 318 -17.97 -11.59 0.04
CA HIS A 318 -17.48 -12.95 -0.07
C HIS A 318 -17.53 -13.63 1.31
N PRO A 319 -17.98 -14.91 1.40
CA PRO A 319 -18.10 -15.58 2.72
C PRO A 319 -16.85 -15.55 3.60
N TYR A 320 -15.64 -15.51 3.00
CA TYR A 320 -14.40 -15.47 3.76
C TYR A 320 -14.23 -14.15 4.50
N ILE A 321 -14.75 -13.06 3.92
CA ILE A 321 -14.57 -11.69 4.43
C ILE A 321 -15.76 -11.18 5.21
N ASN A 322 -16.98 -11.50 4.74
CA ASN A 322 -18.27 -11.01 5.20
C ASN A 322 -18.54 -11.17 6.70
N VAL A 323 -17.88 -12.14 7.37
CA VAL A 323 -18.06 -12.35 8.81
C VAL A 323 -17.72 -11.08 9.64
N TRP A 324 -16.89 -10.15 9.09
CA TRP A 324 -16.49 -8.93 9.80
C TRP A 324 -17.34 -7.74 9.40
N TYR A 325 -18.10 -7.85 8.28
CA TYR A 325 -18.91 -6.79 7.68
C TYR A 325 -19.66 -5.95 8.69
N ASP A 326 -19.44 -4.65 8.61
CA ASP A 326 -20.07 -3.66 9.46
C ASP A 326 -20.41 -2.43 8.60
N PRO A 327 -21.71 -2.03 8.49
CA PRO A 327 -22.06 -0.88 7.65
C PRO A 327 -21.39 0.44 8.04
N ALA A 328 -21.10 0.64 9.34
CA ALA A 328 -20.43 1.83 9.83
C ALA A 328 -18.98 1.95 9.31
N GLU A 329 -18.29 0.79 9.15
CA GLU A 329 -16.91 0.68 8.68
C GLU A 329 -16.76 0.71 7.15
N VAL A 330 -17.87 0.49 6.41
CA VAL A 330 -17.88 0.48 4.95
C VAL A 330 -18.57 1.73 4.35
N GLU A 331 -19.54 2.34 5.08
CA GLU A 331 -20.28 3.53 4.64
C GLU A 331 -19.86 4.80 5.40
N ALA A 332 -18.52 4.99 5.60
CA ALA A 332 -17.96 6.16 6.26
C ALA A 332 -18.08 7.38 5.32
N PRO A 333 -18.74 8.49 5.75
CA PRO A 333 -18.92 9.64 4.85
C PRO A 333 -17.61 10.28 4.33
N PRO A 334 -17.38 10.26 3.00
CA PRO A 334 -16.15 10.88 2.47
C PRO A 334 -16.30 12.41 2.31
N PRO A 335 -15.40 13.23 2.92
CA PRO A 335 -15.56 14.69 2.81
C PRO A 335 -15.23 15.25 1.43
N ARG A 345 0.26 18.32 -12.34
CA ARG A 345 0.98 19.19 -13.26
C ARG A 345 2.50 19.17 -13.00
N GLU A 346 3.30 19.67 -13.96
CA GLU A 346 4.76 19.75 -13.84
C GLU A 346 5.15 21.12 -13.29
N HIS A 347 6.14 21.16 -12.38
CA HIS A 347 6.61 22.39 -11.75
C HIS A 347 8.13 22.35 -11.60
N THR A 348 8.76 23.52 -11.43
CA THR A 348 10.20 23.61 -11.16
C THR A 348 10.44 23.31 -9.65
N ILE A 349 11.73 23.23 -9.20
CA ILE A 349 12.09 23.01 -7.79
C ILE A 349 11.44 24.13 -6.94
N GLU A 350 11.70 25.40 -7.32
CA GLU A 350 11.21 26.62 -6.71
C GLU A 350 9.68 26.61 -6.47
N GLU A 351 8.91 26.28 -7.51
CA GLU A 351 7.44 26.19 -7.46
C GLU A 351 6.95 25.07 -6.51
N TRP A 352 7.60 23.90 -6.56
CA TRP A 352 7.25 22.75 -5.70
C TRP A 352 7.52 23.08 -4.24
N LYS A 353 8.61 23.77 -3.96
CA LYS A 353 9.00 24.20 -2.60
C LYS A 353 7.89 25.04 -1.97
N GLU A 354 7.37 26.06 -2.68
CA GLU A 354 6.30 26.92 -2.18
C GLU A 354 4.95 26.20 -2.04
N LEU A 355 4.62 25.32 -3.00
CA LEU A 355 3.39 24.52 -2.93
C LEU A 355 3.39 23.66 -1.68
N ILE A 356 4.51 22.99 -1.40
CA ILE A 356 4.69 22.12 -0.23
C ILE A 356 4.68 22.93 1.06
N TYR A 357 5.43 24.03 1.08
CA TYR A 357 5.50 24.90 2.23
C TYR A 357 4.11 25.43 2.64
N LYS A 358 3.28 25.83 1.64
CA LYS A 358 1.92 26.34 1.87
C LYS A 358 1.03 25.28 2.52
N GLU A 359 1.09 24.02 2.04
CA GLU A 359 0.36 22.87 2.60
C GLU A 359 0.79 22.62 4.05
N VAL A 360 2.11 22.73 4.31
CA VAL A 360 2.67 22.53 5.65
C VAL A 360 2.14 23.62 6.59
N MET A 361 2.14 24.89 6.12
CA MET A 361 1.68 26.02 6.94
C MET A 361 0.13 26.15 7.02
N ASN A 362 -0.62 25.47 6.11
CA ASN A 362 -2.09 25.46 5.97
C ASN A 362 -2.72 26.85 5.80
C30 3NL B . 5.91 -0.16 19.09
C27 3NL B . 8.07 0.24 18.78
C26 3NL B . 6.88 -0.01 18.11
C31 3NL B . 5.84 -0.14 21.61
C23 3NL B . 7.52 -0.46 15.72
C13 3NL B . 3.86 3.74 12.20
C16 3NL B . 5.47 2.70 11.08
CL1 3NL B . 3.61 7.52 6.06
C02 3NL B . 3.99 8.15 7.68
C03 3NL B . 3.51 9.39 8.09
C04 3NL B . 3.80 9.84 9.41
C05 3NL B . 4.61 9.06 10.23
C06 3NL B . 5.15 7.88 9.79
C07 3NL B . 4.72 7.35 8.52
N08 3NL B . 5.30 6.13 8.05
C09 3NL B . 5.37 4.95 8.86
O10 3NL B . 6.09 4.01 8.49
N11 3NL B . 4.55 4.84 10.09
C12 3NL B . 4.58 3.78 11.04
N14 3NL B . 4.28 2.66 12.89
N15 3NL B . 5.19 2.00 12.18
C17 3NL B . 5.89 0.90 12.54
C18 3NL B . 6.34 -0.03 11.58
C19 3NL B . 7.19 -1.07 11.96
C20 3NL B . 7.52 -1.27 13.31
C21 3NL B . 7.08 -0.34 14.26
C22 3NL B . 6.31 0.75 13.88
O24 3NL B . 8.61 -0.90 15.99
N25 3NL B . 6.63 0.00 16.69
N28 3NL B . 7.83 0.21 20.10
N29 3NL B . 6.50 -0.01 20.31
C32 3NL B . 6.31 -1.34 22.45
C33 3NL B . 6.72 -0.86 23.63
N34 3NL B . 6.14 0.64 23.75
C35 3NL B . 6.14 1.10 22.52
H301 3NL B . 4.98 -0.31 18.93
H271 3NL B . 8.97 0.39 18.35
H311 3NL B . 4.89 -0.20 21.48
H131 3NL B . 3.17 4.38 12.48
H161 3NL B . 6.12 2.48 10.40
H031 3NL B . 2.93 9.90 7.52
H041 3NL B . 3.46 10.70 9.72
H051 3NL B . 4.87 9.41 11.14
H061 3NL B . 5.70 7.32 10.42
H081 3NL B . 5.84 6.17 7.34
H111 3NL B . 4.09 5.63 10.40
H181 3NL B . 6.11 0.08 10.65
H191 3NL B . 7.47 -1.78 11.28
H201 3NL B . 8.07 -1.99 13.57
H221 3NL B . 6.03 1.42 14.54
H251 3NL B . 5.82 0.31 16.43
H322 3NL B . 5.54 -1.98 22.59
H321 3NL B . 7.03 -1.80 22.02
H332 3NL B . 6.38 -1.41 24.36
H331 3NL B . 7.70 -0.84 23.67
H341 3NL B . 6.69 1.14 24.26
H351 3NL B . 5.41 1.78 22.39
H352 3NL B . 7.05 1.50 22.29
#